data_8RFD
#
_entry.id   8RFD
#
_cell.length_a   36.842
_cell.length_b   36.842
_cell.length_c   141.378
_cell.angle_alpha   90.00
_cell.angle_beta   90.00
_cell.angle_gamma   90.00
#
_symmetry.space_group_name_H-M   'P 43 21 2'
#
loop_
_entity.id
_entity.type
_entity.pdbx_description
1 polymer 'Host translation inhibitor nsp1'
2 non-polymer (1~{R})-1-(4-iodophenyl)ethanamine
3 water water
#
_entity_poly.entity_id   1
_entity_poly.type   'polypeptide(L)'
_entity_poly.pdbx_seq_one_letter_code
;MEKTHVQLSLPVLQVRDVLVRGFGDSVEEVLSEARQHLKDGTCGLVEVEKGVLPQLEQPYVFIKRSDARTAPHGHVMVEL
VAELEGIQYGRSGETLGVLVPHVGEIPVAYRKVLLRKN
;
_entity_poly.pdbx_strand_id   A
#
loop_
_chem_comp.id
_chem_comp.type
_chem_comp.name
_chem_comp.formula
A1H0J non-polymer (1~{R})-1-(4-iodophenyl)ethanamine 'C8 H10 I N'
#
# COMPACT_ATOMS: atom_id res chain seq x y z
N MET A 1 -10.76 19.02 6.73
CA MET A 1 -9.38 19.17 7.18
C MET A 1 -8.85 17.79 7.60
N GLU A 2 -7.61 17.48 7.21
CA GLU A 2 -7.10 16.12 7.19
C GLU A 2 -6.53 15.71 8.55
N LYS A 3 -7.09 14.64 9.12
CA LYS A 3 -6.57 14.08 10.36
C LYS A 3 -5.24 13.40 10.10
N THR A 4 -4.50 13.10 11.17
CA THR A 4 -3.19 12.47 10.99
C THR A 4 -3.34 11.04 10.52
N HIS A 5 -4.44 10.40 10.90
CA HIS A 5 -4.67 8.98 10.53
C HIS A 5 -6.10 8.82 10.01
N VAL A 6 -6.27 7.91 9.05
CA VAL A 6 -7.59 7.64 8.50
C VAL A 6 -7.81 6.13 8.48
N GLN A 7 -9.02 5.75 8.91
CA GLN A 7 -9.42 4.32 8.88
C GLN A 7 -9.87 3.96 7.46
N LEU A 8 -9.26 2.94 6.88
CA LEU A 8 -9.58 2.47 5.55
C LEU A 8 -9.68 0.95 5.55
N SER A 9 -10.54 0.42 4.68
CA SER A 9 -10.61 -1.02 4.41
C SER A 9 -10.15 -1.20 2.97
N LEU A 10 -8.96 -1.76 2.77
CA LEU A 10 -8.34 -1.86 1.44
C LEU A 10 -8.71 -3.18 0.79
N PRO A 11 -9.13 -3.18 -0.46
CA PRO A 11 -9.36 -4.46 -1.16
C PRO A 11 -8.03 -5.15 -1.43
N VAL A 12 -7.97 -6.45 -1.13
CA VAL A 12 -6.80 -7.28 -1.36
C VAL A 12 -6.96 -7.95 -2.71
N LEU A 13 -6.01 -7.74 -3.61
CA LEU A 13 -6.11 -8.22 -4.99
C LEU A 13 -5.08 -9.31 -5.22
N GLN A 14 -5.41 -10.26 -6.09
CA GLN A 14 -4.41 -11.23 -6.51
CA GLN A 14 -4.44 -11.24 -6.55
C GLN A 14 -3.55 -10.61 -7.60
N VAL A 15 -2.24 -10.90 -7.53
CA VAL A 15 -1.30 -10.20 -8.40
C VAL A 15 -1.63 -10.39 -9.87
N ARG A 16 -2.07 -11.59 -10.27
CA ARG A 16 -2.34 -11.81 -11.69
C ARG A 16 -3.57 -11.09 -12.21
N ASP A 17 -4.43 -10.57 -11.33
CA ASP A 17 -5.58 -9.78 -11.75
C ASP A 17 -5.25 -8.31 -11.94
N VAL A 18 -4.14 -7.81 -11.40
CA VAL A 18 -3.92 -6.37 -11.35
C VAL A 18 -3.67 -5.82 -12.75
N LEU A 19 -4.42 -4.79 -13.13
CA LEU A 19 -4.27 -4.24 -14.46
C LEU A 19 -3.23 -3.13 -14.53
N VAL A 20 -3.12 -2.29 -13.50
CA VAL A 20 -2.17 -1.19 -13.46
C VAL A 20 -1.19 -1.52 -12.35
N ARG A 21 0.04 -1.86 -12.73
CA ARG A 21 0.92 -2.59 -11.82
C ARG A 21 1.84 -1.71 -10.96
N GLY A 22 1.57 -0.42 -10.95
CA GLY A 22 2.34 0.50 -10.11
C GLY A 22 1.74 1.89 -10.20
N PHE A 23 2.31 2.84 -9.48
CA PHE A 23 1.73 4.20 -9.43
C PHE A 23 2.53 5.21 -10.21
N GLY A 24 3.64 4.83 -10.82
CA GLY A 24 4.43 5.88 -11.47
C GLY A 24 5.89 5.52 -11.65
N ASP A 25 6.70 6.54 -11.92
CA ASP A 25 8.08 6.30 -12.40
C ASP A 25 9.20 6.77 -11.47
N SER A 26 8.85 7.37 -10.35
CA SER A 26 9.87 7.88 -9.40
C SER A 26 9.33 7.64 -8.00
N VAL A 27 10.25 7.63 -7.04
CA VAL A 27 9.86 7.44 -5.65
C VAL A 27 8.85 8.51 -5.23
N GLU A 28 9.15 9.76 -5.55
CA GLU A 28 8.25 10.83 -5.13
C GLU A 28 6.89 10.71 -5.80
N GLU A 29 6.87 10.32 -7.07
CA GLU A 29 5.57 10.21 -7.79
C GLU A 29 4.74 9.05 -7.22
N VAL A 30 5.39 7.91 -6.96
CA VAL A 30 4.57 6.74 -6.52
C VAL A 30 3.96 7.04 -5.13
N LEU A 31 4.72 7.71 -4.24
CA LEU A 31 4.18 8.02 -2.90
C LEU A 31 3.00 9.01 -3.07
N SER A 32 3.18 10.01 -3.92
CA SER A 32 2.12 11.01 -4.16
C SER A 32 0.85 10.36 -4.72
N GLU A 33 1.02 9.57 -5.78
CA GLU A 33 -0.15 8.91 -6.42
C GLU A 33 -0.81 7.92 -5.46
N ALA A 34 0.00 7.17 -4.71
CA ALA A 34 -0.58 6.20 -3.74
C ALA A 34 -1.47 6.98 -2.77
N ARG A 35 -0.92 8.06 -2.23
CA ARG A 35 -1.69 8.86 -1.23
CA ARG A 35 -1.69 8.86 -1.23
C ARG A 35 -3.04 9.42 -1.80
N GLN A 36 -2.93 9.85 -3.06
CA GLN A 36 -4.15 10.38 -3.73
C GLN A 36 -5.18 9.26 -3.97
N HIS A 37 -4.71 8.11 -4.46
CA HIS A 37 -5.65 6.97 -4.68
C HIS A 37 -6.26 6.51 -3.34
N LEU A 38 -5.47 6.57 -2.27
CA LEU A 38 -6.01 6.19 -0.95
C LEU A 38 -7.15 7.14 -0.56
N LYS A 39 -6.96 8.44 -0.80
CA LYS A 39 -8.03 9.42 -0.48
C LYS A 39 -9.26 9.19 -1.39
N ASP A 40 -9.05 8.79 -2.63
CA ASP A 40 -10.14 8.65 -3.59
C ASP A 40 -10.83 7.30 -3.50
N GLY A 41 -10.31 6.38 -2.69
CA GLY A 41 -10.87 5.06 -2.59
C GLY A 41 -10.57 4.16 -3.77
N THR A 42 -9.44 4.38 -4.45
CA THR A 42 -9.10 3.65 -5.66
C THR A 42 -7.73 2.99 -5.54
N CYS A 43 -7.42 2.49 -4.35
CA CYS A 43 -6.18 1.79 -4.01
C CYS A 43 -6.45 0.38 -3.56
N GLY A 44 -5.70 -0.59 -4.11
CA GLY A 44 -5.73 -1.95 -3.64
C GLY A 44 -4.40 -2.35 -3.01
N LEU A 45 -4.41 -3.56 -2.47
CA LEU A 45 -3.27 -4.12 -1.74
C LEU A 45 -3.00 -5.52 -2.26
N VAL A 46 -1.73 -5.81 -2.56
CA VAL A 46 -1.31 -7.16 -2.93
C VAL A 46 -0.43 -7.71 -1.83
N GLU A 47 -0.77 -8.86 -1.28
CA GLU A 47 0.07 -9.45 -0.24
C GLU A 47 1.32 -10.04 -0.89
N VAL A 48 2.45 -9.84 -0.21
CA VAL A 48 3.74 -10.25 -0.83
C VAL A 48 4.07 -11.71 -0.51
N GLU A 49 4.26 -12.50 -1.55
CA GLU A 49 4.70 -13.87 -1.48
C GLU A 49 5.76 -14.03 -2.56
N LYS A 50 6.42 -15.19 -2.59
CA LYS A 50 7.35 -15.48 -3.68
C LYS A 50 6.67 -15.28 -5.03
N GLY A 51 7.36 -14.58 -5.94
CA GLY A 51 6.85 -14.32 -7.28
C GLY A 51 6.09 -13.02 -7.44
N VAL A 52 5.72 -12.36 -6.35
CA VAL A 52 4.81 -11.22 -6.49
C VAL A 52 5.54 -9.99 -6.99
N LEU A 53 6.58 -9.54 -6.30
CA LEU A 53 7.24 -8.27 -6.70
C LEU A 53 7.73 -8.31 -8.15
N PRO A 54 8.34 -9.40 -8.69
CA PRO A 54 8.75 -9.37 -10.09
C PRO A 54 7.60 -9.23 -11.08
N GLN A 55 6.35 -9.45 -10.63
CA GLN A 55 5.17 -9.26 -11.48
C GLN A 55 4.59 -7.86 -11.35
N LEU A 56 5.18 -7.01 -10.52
CA LEU A 56 4.73 -5.65 -10.36
C LEU A 56 5.82 -4.71 -10.85
N GLU A 57 5.49 -3.41 -10.93
CA GLU A 57 6.41 -2.42 -11.48
C GLU A 57 7.04 -1.56 -10.39
N GLN A 58 8.34 -1.35 -10.53
CA GLN A 58 9.06 -0.44 -9.62
C GLN A 58 8.90 1.01 -10.10
N PRO A 59 9.05 2.03 -9.24
CA PRO A 59 9.16 1.86 -7.79
C PRO A 59 7.95 1.25 -7.12
N TYR A 60 8.19 0.49 -6.06
CA TYR A 60 7.07 -0.11 -5.29
C TYR A 60 6.64 0.81 -4.15
N VAL A 61 5.37 0.74 -3.76
CA VAL A 61 4.90 1.43 -2.54
C VAL A 61 4.42 0.34 -1.59
N PHE A 62 5.06 0.23 -0.44
CA PHE A 62 4.60 -0.74 0.58
C PHE A 62 3.84 -0.07 1.70
N ILE A 63 2.89 -0.76 2.29
CA ILE A 63 2.31 -0.28 3.58
C ILE A 63 3.02 -1.14 4.62
N LYS A 64 3.58 -0.47 5.63
CA LYS A 64 4.33 -1.18 6.70
C LYS A 64 3.75 -0.80 8.05
N ARG A 65 3.86 -1.73 8.99
CA ARG A 65 3.29 -1.50 10.31
C ARG A 65 4.07 -0.43 11.05
N SER A 66 3.36 0.57 11.58
CA SER A 66 4.03 1.74 12.22
C SER A 66 4.07 1.61 13.75
N ASP A 67 3.25 0.75 14.33
CA ASP A 67 3.22 0.71 15.80
C ASP A 67 2.93 -0.74 16.14
N ALA A 68 3.85 -1.37 16.83
CA ALA A 68 3.73 -2.80 17.11
C ALA A 68 3.02 -3.00 18.45
N ARG A 69 2.46 -1.94 19.01
CA ARG A 69 1.92 -2.05 20.39
C ARG A 69 0.41 -2.14 20.38
N THR A 70 -0.25 -1.25 19.66
CA THR A 70 -1.72 -1.41 19.57
C THR A 70 -2.19 -1.36 18.15
N ALA A 71 -3.21 -2.15 17.85
CA ALA A 71 -3.84 -2.10 16.51
C ALA A 71 -5.27 -1.67 16.78
N PRO A 72 -5.57 -0.38 16.72
CA PRO A 72 -6.90 0.05 17.09
C PRO A 72 -8.08 -0.52 16.26
N HIS A 73 -9.12 -1.08 16.90
CA HIS A 73 -10.32 -1.57 16.23
C HIS A 73 -10.05 -2.68 15.23
N GLY A 74 -8.96 -3.43 15.42
CA GLY A 74 -8.51 -4.30 14.35
C GLY A 74 -7.98 -3.58 13.13
N HIS A 75 -7.85 -2.25 13.16
CA HIS A 75 -7.19 -1.52 12.08
C HIS A 75 -5.72 -1.36 12.47
N VAL A 76 -4.83 -2.08 11.79
CA VAL A 76 -3.41 -1.96 12.07
CA VAL A 76 -3.41 -1.96 12.07
C VAL A 76 -2.90 -0.60 11.60
N MET A 77 -2.12 0.06 12.45
CA MET A 77 -1.57 1.39 12.12
C MET A 77 -0.43 1.19 11.11
N VAL A 78 -0.47 1.93 10.01
CA VAL A 78 0.52 1.71 8.93
C VAL A 78 1.02 3.02 8.34
N GLU A 79 2.14 2.94 7.67
CA GLU A 79 2.68 4.11 6.94
C GLU A 79 3.23 3.63 5.59
N LEU A 80 3.47 4.57 4.69
CA LEU A 80 3.97 4.23 3.34
C LEU A 80 5.49 4.28 3.26
N VAL A 81 6.08 3.31 2.57
CA VAL A 81 7.54 3.29 2.30
C VAL A 81 7.72 2.88 0.83
N ALA A 82 8.50 3.63 0.08
CA ALA A 82 8.75 3.30 -1.33
C ALA A 82 10.10 2.61 -1.48
N GLU A 83 10.20 1.83 -2.56
CA GLU A 83 11.46 1.10 -2.85
C GLU A 83 11.80 1.18 -4.34
N LEU A 84 13.04 1.51 -4.66
CA LEU A 84 13.51 1.52 -6.04
C LEU A 84 14.93 0.99 -6.07
N GLU A 85 15.18 -0.01 -6.91
CA GLU A 85 16.51 -0.57 -7.09
CA GLU A 85 16.51 -0.58 -7.08
C GLU A 85 17.13 -0.97 -5.75
N GLY A 86 16.30 -1.58 -4.88
CA GLY A 86 16.81 -2.12 -3.64
C GLY A 86 17.02 -1.12 -2.51
N ILE A 87 16.65 0.14 -2.72
CA ILE A 87 16.82 1.19 -1.72
C ILE A 87 15.43 1.64 -1.29
N GLN A 88 15.27 1.77 0.03
CA GLN A 88 13.96 2.13 0.60
C GLN A 88 14.00 3.58 1.11
N TYR A 89 12.89 4.24 0.94
CA TYR A 89 12.73 5.64 1.32
C TYR A 89 11.68 5.65 2.42
N GLY A 90 12.16 5.82 3.65
CA GLY A 90 11.45 5.59 4.88
C GLY A 90 11.91 4.32 5.59
N ARG A 91 11.67 4.27 6.89
CA ARG A 91 11.98 3.06 7.66
C ARG A 91 10.73 2.80 8.49
N SER A 92 10.31 1.55 8.55
CA SER A 92 9.08 1.22 9.30
C SER A 92 9.12 -0.26 9.67
N GLY A 93 7.99 -0.79 10.08
CA GLY A 93 7.91 -2.17 10.56
C GLY A 93 7.59 -3.15 9.45
N GLU A 94 6.93 -4.25 9.82
CA GLU A 94 6.64 -5.33 8.87
C GLU A 94 5.71 -4.90 7.72
N THR A 95 6.01 -5.45 6.55
CA THR A 95 5.19 -5.17 5.34
C THR A 95 3.87 -5.90 5.39
N LEU A 96 2.77 -5.20 5.21
CA LEU A 96 1.45 -5.78 5.04
C LEU A 96 1.15 -6.10 3.58
N GLY A 97 1.77 -5.36 2.69
CA GLY A 97 1.60 -5.65 1.26
C GLY A 97 2.09 -4.52 0.41
N VAL A 98 1.91 -4.66 -0.88
CA VAL A 98 2.33 -3.61 -1.85
C VAL A 98 1.04 -2.97 -2.40
N LEU A 99 1.03 -1.66 -2.45
CA LEU A 99 -0.15 -0.94 -2.94
C LEU A 99 -0.12 -0.82 -4.46
N VAL A 100 -1.29 -0.91 -5.07
CA VAL A 100 -1.45 -0.71 -6.52
C VAL A 100 -2.75 0.05 -6.76
N PRO A 101 -2.87 0.71 -7.92
CA PRO A 101 -4.19 1.23 -8.27
C PRO A 101 -5.23 0.11 -8.31
N HIS A 102 -6.46 0.46 -7.92
CA HIS A 102 -7.60 -0.43 -8.06
C HIS A 102 -8.51 0.14 -9.13
N VAL A 103 -8.74 -0.64 -10.18
CA VAL A 103 -9.54 -0.21 -11.32
C VAL A 103 -10.69 -1.18 -11.58
N GLY A 104 -11.24 -1.80 -10.53
CA GLY A 104 -12.41 -2.66 -10.64
C GLY A 104 -12.14 -4.14 -10.54
N GLU A 105 -10.91 -4.56 -10.29
CA GLU A 105 -10.61 -5.95 -10.01
C GLU A 105 -11.40 -6.46 -8.81
N ILE A 106 -11.78 -7.75 -8.86
CA ILE A 106 -12.52 -8.33 -7.74
C ILE A 106 -11.56 -8.75 -6.65
N PRO A 107 -11.73 -8.26 -5.42
CA PRO A 107 -10.80 -8.62 -4.35
C PRO A 107 -11.11 -9.99 -3.76
N VAL A 108 -10.13 -10.49 -3.01
CA VAL A 108 -10.28 -11.75 -2.28
C VAL A 108 -10.52 -11.55 -0.79
N ALA A 109 -10.35 -10.33 -0.29
CA ALA A 109 -10.51 -10.01 1.13
C ALA A 109 -10.35 -8.51 1.24
N TYR A 110 -10.51 -8.00 2.46
CA TYR A 110 -10.26 -6.60 2.79
C TYR A 110 -9.32 -6.56 3.97
N ARG A 111 -8.42 -5.60 3.96
CA ARG A 111 -7.44 -5.40 5.03
C ARG A 111 -7.74 -4.07 5.68
N LYS A 112 -8.10 -4.09 6.97
CA LYS A 112 -8.40 -2.88 7.72
C LYS A 112 -7.12 -2.25 8.24
N VAL A 113 -6.89 -0.98 7.89
CA VAL A 113 -5.68 -0.28 8.30
C VAL A 113 -6.06 1.09 8.81
N LEU A 114 -5.16 1.64 9.63
CA LEU A 114 -5.27 3.04 10.12
C LEU A 114 -4.06 3.73 9.48
N LEU A 115 -4.28 4.47 8.41
CA LEU A 115 -3.15 5.02 7.62
C LEU A 115 -2.64 6.36 8.13
N ARG A 116 -1.34 6.44 8.33
CA ARG A 116 -0.73 7.75 8.68
C ARG A 116 -0.69 8.59 7.40
N LYS A 117 -1.42 9.69 7.38
CA LYS A 117 -1.40 10.60 6.22
C LYS A 117 -0.23 11.54 6.48
N ASN A 118 0.98 11.10 6.11
CA ASN A 118 2.22 11.86 6.37
C ASN A 118 2.35 13.08 5.46
C1 A1H0J B . -9.51 8.58 -14.15
C2 A1H0J B . -9.35 7.07 -14.30
C3 A1H0J B . -8.01 6.57 -13.78
C4 A1H0J B . -6.89 7.39 -13.80
C5 A1H0J B . -5.67 6.93 -13.33
C6 A1H0J B . -5.56 5.65 -12.84
C7 A1H0J B . -6.67 4.82 -12.81
C8 A1H0J B . -7.88 5.29 -13.28
I1 A1H0J B . -3.72 4.96 -12.13
N1 A1H0J B . -9.58 6.67 -15.71
#